data_3T60
#
_entry.id   3T60
#
_cell.length_a   76.972
_cell.length_b   76.972
_cell.length_c   106.924
_cell.angle_alpha   90.00
_cell.angle_beta   90.00
_cell.angle_gamma   90.00
#
_symmetry.space_group_name_H-M   'P 41'
#
loop_
_entity.id
_entity.type
_entity.pdbx_description
1 polymer "Deoxyuridine 5'-triphosphate nucleotidohydrolase, putative"
2 non-polymer "2',5'-dideoxy-5'-(tritylamino)uridine"
3 non-polymer GLYCEROL
4 water water
#
_entity_poly.entity_id   1
_entity_poly.type   'polypeptide(L)'
_entity_poly.pdbx_seq_one_letter_code
;MHLKIVCLSDEVREMYKNHKTHHEGDSGLDLFIVKDEVLKPKSTTFVKLGIKAIALQYKSNYYYKCEKSENKKKDDDKSN
IVNTSFLLFPRSSISKTPLRLANSIGLIDAGYRGEIIAALDNTSDQEYHIKKNDKLVQLVSFTGEPLSFELVEELDETSR
GEGGFGSTSNNKYLEHHHHHH
;
_entity_poly.pdbx_strand_id   A,B,C
#
loop_
_chem_comp.id
_chem_comp.type
_chem_comp.name
_chem_comp.formula
DUA non-polymer 2',5'-dideoxy-5'-(tritylamino)uridine 'C28 H27 N3 O4'
GOL non-polymer GLYCEROL 'C3 H8 O3'
#
# COMPACT_ATOMS: atom_id res chain seq x y z
N MET A 1 -9.47 9.07 -11.81
CA MET A 1 -8.12 9.57 -12.25
C MET A 1 -7.88 9.00 -13.63
N HIS A 2 -7.19 9.77 -14.49
CA HIS A 2 -7.00 9.33 -15.85
C HIS A 2 -5.55 9.07 -16.21
N LEU A 3 -5.26 7.94 -16.82
CA LEU A 3 -3.90 7.69 -17.13
C LEU A 3 -3.67 7.77 -18.64
N LYS A 4 -2.55 8.39 -19.02
CA LYS A 4 -2.05 8.28 -20.38
C LYS A 4 -0.85 7.37 -20.38
N ILE A 5 -0.92 6.32 -21.19
CA ILE A 5 0.11 5.30 -21.23
C ILE A 5 0.77 5.29 -22.60
N VAL A 6 2.11 5.29 -22.59
CA VAL A 6 2.87 5.10 -23.80
C VAL A 6 3.35 3.65 -23.78
N CYS A 7 2.92 2.85 -24.78
CA CYS A 7 3.41 1.47 -24.96
C CYS A 7 4.71 1.51 -25.75
N LEU A 8 5.73 0.82 -25.27
CA LEU A 8 7.07 0.95 -25.82
C LEU A 8 7.35 0.00 -26.98
N SER A 9 6.36 -0.79 -27.42
CA SER A 9 6.45 -1.66 -28.58
C SER A 9 5.06 -1.90 -29.07
N ASP A 10 4.92 -2.39 -30.30
CA ASP A 10 3.60 -2.66 -30.88
C ASP A 10 2.94 -3.85 -30.24
N GLU A 11 3.77 -4.84 -29.92
CA GLU A 11 3.32 -5.98 -29.15
C GLU A 11 2.62 -5.48 -27.90
N VAL A 12 3.27 -4.61 -27.13
CA VAL A 12 2.68 -4.11 -25.90
C VAL A 12 1.43 -3.37 -26.19
N ARG A 13 1.40 -2.67 -27.31
CA ARG A 13 0.23 -1.86 -27.69
C ARG A 13 -1.02 -2.73 -28.00
N GLU A 14 -0.80 -3.87 -28.66
CA GLU A 14 -1.87 -4.83 -28.94
C GLU A 14 -2.58 -5.35 -27.67
N MET A 15 -1.78 -5.72 -26.67
CA MET A 15 -2.29 -6.11 -25.33
C MET A 15 -3.12 -5.06 -24.65
N TYR A 16 -2.82 -3.78 -24.85
CA TYR A 16 -3.59 -2.71 -24.18
C TYR A 16 -4.83 -2.20 -25.01
N LYS A 17 -4.81 -2.39 -26.32
CA LYS A 17 -6.01 -2.18 -27.13
C LYS A 17 -7.03 -3.31 -26.94
N ASN A 18 -6.54 -4.45 -26.43
CA ASN A 18 -7.35 -5.67 -26.17
C ASN A 18 -7.45 -5.93 -24.67
N ASP A 26 -13.66 1.10 -11.49
CA ASP A 26 -12.67 0.14 -10.94
C ASP A 26 -11.42 0.89 -10.45
N SER A 27 -11.07 0.71 -9.20
CA SER A 27 -10.00 1.50 -8.61
C SER A 27 -8.56 0.97 -8.77
N GLY A 28 -8.37 -0.19 -9.44
CA GLY A 28 -7.09 -0.67 -9.89
C GLY A 28 -7.04 -1.08 -11.36
N LEU A 29 -6.00 -0.64 -12.07
CA LEU A 29 -5.74 -0.95 -13.44
C LEU A 29 -4.60 -1.96 -13.53
N ASP A 30 -4.93 -3.18 -13.93
CA ASP A 30 -3.98 -4.28 -14.07
C ASP A 30 -3.02 -3.98 -15.18
N LEU A 31 -1.76 -4.32 -14.92
CA LEU A 31 -0.73 -4.21 -15.91
C LEU A 31 -0.23 -5.62 -16.26
N PHE A 32 0.18 -5.75 -17.53
CA PHE A 32 0.58 -6.99 -18.06
C PHE A 32 2.04 -7.24 -17.87
N ILE A 33 2.37 -8.53 -17.65
CA ILE A 33 3.65 -9.07 -18.00
C ILE A 33 3.67 -9.12 -19.53
N VAL A 34 4.76 -8.60 -20.04
CA VAL A 34 4.87 -8.18 -21.42
C VAL A 34 5.82 -9.14 -22.22
N LYS A 35 6.63 -9.98 -21.51
CA LYS A 35 7.55 -10.96 -22.12
C LYS A 35 7.80 -12.14 -21.15
N ASP A 36 7.94 -13.36 -21.67
CA ASP A 36 8.11 -14.51 -20.79
C ASP A 36 9.47 -14.36 -20.15
N GLU A 37 9.55 -14.66 -18.86
CA GLU A 37 10.74 -14.46 -18.08
C GLU A 37 10.83 -15.54 -16.96
N VAL A 38 12.04 -16.02 -16.70
CA VAL A 38 12.40 -16.87 -15.58
C VAL A 38 13.04 -16.00 -14.51
N LEU A 39 12.54 -16.10 -13.31
CA LEU A 39 13.04 -15.43 -12.18
C LEU A 39 13.82 -16.44 -11.36
N LYS A 40 15.04 -16.09 -11.01
CA LYS A 40 15.92 -16.96 -10.26
C LYS A 40 15.37 -17.18 -8.84
N PRO A 41 15.67 -18.35 -8.25
CA PRO A 41 15.27 -18.66 -6.92
C PRO A 41 15.86 -17.63 -5.95
N LYS A 42 15.14 -17.35 -4.86
CA LYS A 42 15.61 -16.44 -3.83
C LYS A 42 16.33 -15.23 -4.41
N SER A 43 15.61 -14.47 -5.24
CA SER A 43 16.17 -13.27 -5.83
C SER A 43 15.09 -12.23 -5.97
N THR A 44 15.55 -11.03 -6.32
CA THR A 44 14.68 -9.94 -6.69
C THR A 44 15.00 -9.46 -8.09
N THR A 45 13.95 -9.29 -8.90
CA THR A 45 14.12 -9.09 -10.30
C THR A 45 13.36 -7.83 -10.61
N PHE A 46 13.96 -6.92 -11.38
CA PHE A 46 13.31 -5.70 -11.78
C PHE A 46 12.62 -5.96 -13.13
N VAL A 47 11.32 -6.24 -13.08
CA VAL A 47 10.63 -6.68 -14.25
C VAL A 47 10.05 -5.46 -14.98
N LYS A 48 10.50 -5.21 -16.19
CA LYS A 48 10.01 -4.08 -16.97
C LYS A 48 8.70 -4.39 -17.65
N LEU A 49 7.81 -3.44 -17.54
CA LEU A 49 6.43 -3.64 -17.90
C LEU A 49 6.09 -3.05 -19.29
N GLY A 50 7.11 -2.52 -19.97
CA GLY A 50 6.92 -2.13 -21.38
C GLY A 50 6.04 -0.91 -21.62
N ILE A 51 5.83 -0.11 -20.57
CA ILE A 51 4.98 1.07 -20.67
C ILE A 51 5.61 2.14 -19.79
N LYS A 52 5.19 3.37 -20.10
CA LYS A 52 5.36 4.59 -19.31
C LYS A 52 3.99 5.23 -19.10
N ALA A 53 3.83 6.03 -18.04
CA ALA A 53 2.51 6.49 -17.73
C ALA A 53 2.55 7.76 -16.99
N ILE A 54 1.51 8.57 -17.17
CA ILE A 54 1.24 9.75 -16.37
C ILE A 54 -0.21 9.72 -15.95
N ALA A 55 -0.48 10.37 -14.80
CA ALA A 55 -1.77 10.31 -14.15
C ALA A 55 -2.34 11.69 -14.04
N LEU A 56 -3.61 11.84 -14.40
CA LEU A 56 -4.19 13.14 -14.39
C LEU A 56 -5.39 13.10 -13.50
N GLN A 57 -5.43 14.07 -12.57
CA GLN A 57 -6.53 14.29 -11.62
C GLN A 57 -6.85 15.76 -11.55
N TYR A 58 -7.92 16.11 -10.85
CA TYR A 58 -8.22 17.53 -10.57
C TYR A 58 -7.28 18.18 -9.53
N LYS A 59 -6.87 19.55 -9.97
CA LYS A 59 -6.01 20.27 -9.07
C LYS A 59 -6.78 20.20 -7.75
N SER A 60 -6.07 20.02 -6.62
CA SER A 60 -6.65 20.15 -5.23
C SER A 60 -6.11 21.42 -4.54
N ASN A 61 -6.28 21.55 -3.22
CA ASN A 61 -5.53 22.56 -2.44
C ASN A 61 -5.12 21.97 -1.08
N TYR A 62 -3.83 21.81 -0.80
CA TYR A 62 -3.22 21.26 0.41
C TYR A 62 -2.88 21.67 1.84
N TYR A 63 -2.00 22.67 1.95
CA TYR A 63 -1.60 23.16 3.27
C TYR A 63 -0.10 23.05 2.93
N ASN A 80 -7.31 23.06 -14.12
CA ASN A 80 -8.21 22.35 -13.21
C ASN A 80 -7.78 20.90 -13.17
N ILE A 81 -7.18 20.34 -13.74
CA ILE A 81 -6.48 19.13 -14.22
C ILE A 81 -4.97 19.18 -14.04
N VAL A 82 -4.49 18.34 -13.13
CA VAL A 82 -3.06 18.27 -12.74
C VAL A 82 -2.40 16.88 -13.00
N ASN A 83 -1.11 16.93 -13.28
CA ASN A 83 -0.30 15.76 -13.40
C ASN A 83 0.00 15.32 -11.95
N THR A 84 -0.18 14.04 -11.67
CA THR A 84 -0.20 13.56 -10.28
C THR A 84 0.59 12.29 -10.06
N SER A 85 0.87 12.06 -8.80
CA SER A 85 1.60 10.88 -8.33
C SER A 85 0.64 9.71 -8.27
N PHE A 86 1.18 8.50 -8.36
CA PHE A 86 0.33 7.34 -8.22
C PHE A 86 1.00 6.09 -7.67
N LEU A 87 0.16 5.05 -7.49
CA LEU A 87 0.54 3.83 -6.76
C LEU A 87 0.65 2.56 -7.60
N LEU A 88 1.67 1.77 -7.33
CA LEU A 88 1.76 0.49 -7.90
C LEU A 88 1.53 -0.58 -6.84
N PHE A 89 0.42 -1.30 -6.94
CA PHE A 89 0.00 -2.30 -5.94
C PHE A 89 0.25 -3.70 -6.54
N PRO A 90 0.59 -4.70 -5.71
CA PRO A 90 0.39 -6.04 -6.17
C PRO A 90 -1.12 -6.35 -6.39
N ARG A 91 -1.42 -7.30 -7.27
CA ARG A 91 -2.76 -7.83 -7.38
C ARG A 91 -2.98 -8.78 -6.20
N SER A 92 -4.22 -8.95 -5.74
CA SER A 92 -4.60 -9.93 -4.70
C SER A 92 -4.07 -11.29 -5.03
N SER A 93 -4.17 -11.63 -6.31
CA SER A 93 -3.83 -12.98 -6.76
C SER A 93 -2.34 -13.23 -6.72
N ILE A 94 -1.51 -12.20 -6.54
CA ILE A 94 -0.10 -12.41 -6.43
C ILE A 94 0.08 -13.37 -5.25
N SER A 95 -0.84 -13.37 -4.32
CA SER A 95 -0.69 -14.04 -2.99
C SER A 95 -0.53 -15.53 -3.12
N LYS A 96 -1.05 -16.03 -4.24
CA LYS A 96 -1.14 -17.44 -4.47
C LYS A 96 0.15 -17.94 -5.10
N THR A 97 0.95 -17.00 -5.64
CA THR A 97 2.37 -17.24 -6.03
C THR A 97 3.42 -17.07 -4.91
N PRO A 98 4.69 -17.54 -5.11
CA PRO A 98 5.83 -17.12 -4.27
C PRO A 98 6.45 -15.72 -4.44
N LEU A 99 5.89 -14.93 -5.36
CA LEU A 99 6.42 -13.64 -5.82
C LEU A 99 5.85 -12.51 -4.91
N ARG A 100 6.74 -11.69 -4.31
CA ARG A 100 6.27 -10.57 -3.47
C ARG A 100 6.86 -9.21 -3.95
N LEU A 101 6.13 -8.11 -3.74
CA LEU A 101 6.60 -6.79 -4.16
C LEU A 101 7.70 -6.26 -3.16
N ALA A 102 8.96 -6.25 -3.62
CA ALA A 102 10.07 -5.80 -2.75
C ALA A 102 9.79 -4.55 -1.93
N ASN A 103 9.29 -3.51 -2.62
CA ASN A 103 9.06 -2.19 -1.98
C ASN A 103 7.65 -2.01 -1.42
N SER A 104 6.94 -3.13 -1.16
CA SER A 104 5.49 -3.21 -0.75
C SER A 104 4.50 -2.57 -1.71
N ILE A 105 4.54 -1.23 -1.79
CA ILE A 105 3.72 -0.42 -2.71
C ILE A 105 4.70 0.56 -3.32
N GLY A 106 4.70 0.65 -4.65
CA GLY A 106 5.56 1.53 -5.36
C GLY A 106 4.90 2.85 -5.51
N LEU A 107 5.68 3.88 -5.21
CA LEU A 107 5.21 5.22 -5.34
C LEU A 107 5.73 5.86 -6.66
N ILE A 108 4.84 6.13 -7.62
CA ILE A 108 5.32 6.72 -8.87
C ILE A 108 5.03 8.22 -8.78
N ASP A 109 6.08 9.04 -8.65
CA ASP A 109 5.99 10.51 -8.61
C ASP A 109 5.44 11.13 -9.88
N ALA A 110 4.75 12.31 -9.72
CA ALA A 110 4.16 13.07 -10.89
C ALA A 110 5.15 13.29 -12.00
N GLY A 111 6.37 13.64 -11.60
CA GLY A 111 7.48 13.87 -12.56
C GLY A 111 8.00 12.72 -13.43
N TYR A 112 7.56 11.48 -13.19
CA TYR A 112 8.35 10.33 -13.63
C TYR A 112 7.95 9.89 -15.04
N ARG A 113 8.96 9.65 -15.87
CA ARG A 113 8.88 9.52 -17.32
C ARG A 113 9.62 8.25 -17.77
N GLY A 114 10.12 7.48 -16.81
CA GLY A 114 10.74 6.22 -17.10
C GLY A 114 9.69 5.10 -17.32
N GLU A 115 10.22 3.99 -17.83
CA GLU A 115 9.46 2.77 -17.91
C GLU A 115 9.04 2.30 -16.50
N ILE A 116 7.81 1.84 -16.41
CA ILE A 116 7.32 1.24 -15.19
C ILE A 116 7.85 -0.19 -14.96
N ILE A 117 8.32 -0.40 -13.74
CA ILE A 117 9.05 -1.61 -13.32
C ILE A 117 8.40 -2.15 -12.06
N ALA A 118 8.22 -3.47 -12.02
CA ALA A 118 7.80 -4.21 -10.82
C ALA A 118 9.00 -4.93 -10.24
N ALA A 119 9.37 -4.56 -9.02
CA ALA A 119 10.46 -5.27 -8.31
C ALA A 119 9.97 -6.52 -7.59
N LEU A 120 10.16 -7.68 -8.20
CA LEU A 120 9.60 -8.93 -7.66
C LEU A 120 10.57 -9.81 -6.91
N ASP A 121 10.24 -10.11 -5.66
CA ASP A 121 11.00 -11.10 -4.85
C ASP A 121 10.48 -12.50 -5.14
N ASN A 122 11.32 -13.37 -5.69
CA ASN A 122 10.96 -14.74 -5.79
C ASN A 122 11.34 -15.43 -4.49
N THR A 123 10.36 -15.76 -3.64
CA THR A 123 10.58 -16.27 -2.27
C THR A 123 10.79 -17.75 -2.21
N SER A 124 10.69 -18.38 -3.36
CA SER A 124 10.81 -19.79 -3.53
C SER A 124 12.27 -20.27 -3.88
N ASP A 125 12.50 -21.57 -3.54
CA ASP A 125 13.74 -22.41 -3.79
C ASP A 125 13.93 -22.66 -5.29
N GLN A 126 12.90 -22.46 -6.08
CA GLN A 126 12.94 -22.79 -7.51
C GLN A 126 12.80 -21.57 -8.44
N GLU A 127 13.23 -21.70 -9.68
CA GLU A 127 12.93 -20.70 -10.67
C GLU A 127 11.44 -20.45 -10.82
N TYR A 128 11.07 -19.23 -11.14
CA TYR A 128 9.70 -19.01 -11.39
C TYR A 128 9.48 -18.41 -12.74
N HIS A 129 8.56 -19.01 -13.49
CA HIS A 129 8.29 -18.64 -14.89
C HIS A 129 7.09 -17.73 -14.92
N ILE A 130 7.28 -16.52 -15.40
CA ILE A 130 6.14 -15.60 -15.69
C ILE A 130 5.98 -15.54 -17.21
N LYS A 131 4.75 -15.39 -17.68
CA LYS A 131 4.37 -15.50 -19.07
C LYS A 131 3.78 -14.16 -19.44
N LYS A 132 4.02 -13.73 -20.69
CA LYS A 132 3.29 -12.66 -21.37
C LYS A 132 1.77 -12.83 -21.11
N ASN A 133 1.14 -11.73 -20.70
CA ASN A 133 -0.26 -11.68 -20.31
C ASN A 133 -0.61 -12.06 -18.88
N ASP A 134 0.37 -12.52 -18.08
CA ASP A 134 0.23 -12.53 -16.63
C ASP A 134 0.04 -11.10 -16.17
N LYS A 135 -0.56 -10.99 -15.00
CA LYS A 135 -0.94 -9.73 -14.40
C LYS A 135 -0.68 -9.98 -12.90
N LEU A 136 0.40 -9.39 -12.38
CA LEU A 136 0.87 -9.52 -11.03
C LEU A 136 0.66 -8.23 -10.19
N VAL A 137 0.51 -7.12 -10.90
CA VAL A 137 0.65 -5.79 -10.34
C VAL A 137 -0.48 -4.89 -10.95
N GLN A 138 -0.85 -3.80 -10.28
CA GLN A 138 -1.85 -2.89 -10.83
C GLN A 138 -1.60 -1.45 -10.35
N LEU A 139 -2.10 -0.50 -11.12
CA LEU A 139 -1.88 0.92 -10.89
C LEU A 139 -3.08 1.45 -10.15
N VAL A 140 -2.90 2.26 -9.14
CA VAL A 140 -3.98 2.76 -8.33
C VAL A 140 -3.83 4.23 -7.95
N SER A 141 -4.92 4.94 -7.77
CA SER A 141 -4.91 6.34 -7.46
C SER A 141 -4.71 6.53 -5.97
N PHE A 142 -4.02 7.56 -5.56
CA PHE A 142 -4.00 7.94 -4.19
C PHE A 142 -5.37 8.16 -3.58
N THR A 143 -6.39 8.38 -4.39
CA THR A 143 -7.72 8.58 -3.88
C THR A 143 -8.59 7.35 -3.92
N GLY A 144 -8.13 6.31 -4.58
CA GLY A 144 -8.89 5.11 -4.76
C GLY A 144 -10.03 5.23 -5.73
N GLU A 145 -10.12 6.35 -6.39
CA GLU A 145 -11.13 6.60 -7.39
C GLU A 145 -10.96 5.70 -8.59
N PRO A 146 -12.02 5.56 -9.37
CA PRO A 146 -12.09 4.79 -10.63
C PRO A 146 -11.08 5.31 -11.66
N LEU A 147 -10.42 4.38 -12.33
CA LEU A 147 -9.35 4.72 -13.24
C LEU A 147 -9.81 4.61 -14.66
N SER A 148 -9.51 5.61 -15.49
CA SER A 148 -9.54 5.37 -16.92
C SER A 148 -8.13 5.48 -17.50
N PHE A 149 -7.97 5.04 -18.74
CA PHE A 149 -6.68 5.17 -19.42
C PHE A 149 -6.88 5.29 -20.96
N GLU A 150 -5.86 5.84 -21.61
CA GLU A 150 -5.77 5.85 -23.07
C GLU A 150 -4.30 5.64 -23.49
N LEU A 151 -4.08 5.15 -24.68
CA LEU A 151 -2.76 5.03 -25.23
C LEU A 151 -2.38 6.29 -26.07
N VAL A 152 -1.11 6.68 -25.92
CA VAL A 152 -0.63 7.97 -26.32
C VAL A 152 0.78 7.68 -26.88
N GLU A 153 1.27 8.54 -27.77
CA GLU A 153 2.59 8.29 -28.37
C GLU A 153 3.70 8.92 -27.53
N GLU A 154 3.34 9.92 -26.73
CA GLU A 154 4.29 10.62 -25.82
C GLU A 154 3.58 11.04 -24.58
N LEU A 155 4.32 11.17 -23.47
CA LEU A 155 3.82 11.78 -22.20
C LEU A 155 4.00 13.28 -22.17
N ASP A 156 5.04 13.73 -22.83
CA ASP A 156 5.39 15.14 -23.03
C ASP A 156 6.46 15.23 -24.17
N GLU A 157 7.11 16.36 -24.24
CA GLU A 157 7.98 16.77 -25.29
C GLU A 157 9.42 16.31 -25.18
N THR A 158 9.78 15.81 -24.04
CA THR A 158 11.11 15.30 -23.75
C THR A 158 11.38 13.97 -24.36
N SER A 159 12.63 13.67 -24.56
CA SER A 159 13.01 12.39 -25.05
C SER A 159 12.65 11.24 -24.15
N ARG A 160 12.85 11.35 -22.86
CA ARG A 160 12.43 10.30 -21.98
C ARG A 160 10.91 10.22 -21.96
N GLY A 161 10.24 11.30 -22.29
CA GLY A 161 8.81 11.31 -22.41
C GLY A 161 8.38 10.76 -23.72
N GLU A 162 9.35 10.48 -24.55
CA GLU A 162 9.24 9.95 -25.90
C GLU A 162 8.63 10.95 -26.87
N GLY A 163 8.56 12.25 -26.54
CA GLY A 163 7.94 13.20 -27.51
C GLY A 163 9.03 14.00 -28.21
N GLY A 164 8.64 15.11 -28.87
CA GLY A 164 9.56 16.13 -29.43
C GLY A 164 10.20 15.69 -30.73
N PHE A 165 11.06 16.54 -31.34
CA PHE A 165 11.73 16.35 -32.64
C PHE A 165 12.51 15.05 -32.53
N GLY A 166 12.58 14.14 -33.53
CA GLY A 166 13.02 12.66 -33.27
C GLY A 166 12.03 11.55 -32.34
N MET B 1 1.08 18.76 1.99
CA MET B 1 1.03 18.42 3.44
C MET B 1 2.27 18.98 4.10
N HIS B 2 2.07 19.45 5.33
CA HIS B 2 3.16 20.04 6.12
C HIS B 2 3.51 19.23 7.34
N LEU B 3 4.79 18.86 7.44
CA LEU B 3 5.33 18.16 8.63
C LEU B 3 6.06 19.07 9.66
N LYS B 4 5.72 18.93 10.94
CA LYS B 4 6.55 19.43 12.03
C LYS B 4 7.41 18.28 12.59
N ILE B 5 8.70 18.28 12.26
CA ILE B 5 9.64 17.27 12.74
C ILE B 5 10.47 17.71 13.96
N VAL B 6 10.18 17.17 15.14
CA VAL B 6 11.07 17.34 16.30
C VAL B 6 12.24 16.35 16.22
N CYS B 7 13.43 16.85 15.83
CA CYS B 7 14.65 16.07 15.89
C CYS B 7 15.00 15.85 17.34
N LEU B 8 15.61 14.69 17.67
CA LEU B 8 15.71 14.21 19.08
C LEU B 8 17.14 14.25 19.62
N SER B 9 18.08 14.55 18.72
CA SER B 9 19.47 14.80 19.08
C SER B 9 19.98 15.97 18.22
N ASP B 10 21.18 16.47 18.50
CA ASP B 10 21.77 17.53 17.68
C ASP B 10 22.30 16.96 16.36
N GLU B 11 23.02 15.83 16.47
CA GLU B 11 23.59 15.11 15.29
C GLU B 11 22.53 14.86 14.19
N VAL B 12 21.28 14.57 14.60
CA VAL B 12 20.13 14.37 13.68
C VAL B 12 19.61 15.70 13.13
N ARG B 13 19.38 16.65 14.04
CA ARG B 13 19.24 18.09 13.70
C ARG B 13 20.09 18.58 12.52
N GLU B 14 21.38 18.23 12.51
CA GLU B 14 22.31 18.61 11.43
C GLU B 14 22.10 17.78 10.16
N MET B 15 21.45 16.61 10.27
CA MET B 15 21.13 15.77 9.09
C MET B 15 20.06 16.39 8.23
N TYR B 16 18.98 16.78 8.89
CA TYR B 16 17.81 17.37 8.27
C TYR B 16 17.97 18.80 7.74
N LYS B 17 18.62 19.64 8.52
CA LYS B 17 19.03 20.93 8.03
C LYS B 17 20.00 20.85 6.86
N ASN B 18 20.88 19.86 6.82
CA ASN B 18 21.91 19.85 5.82
C ASN B 18 21.58 19.03 4.59
N ASP B 26 6.93 16.72 -4.68
CA ASP B 26 7.57 15.42 -4.41
C ASP B 26 7.10 14.69 -3.27
N SER B 27 6.30 13.69 -3.65
CA SER B 27 5.19 13.23 -2.80
C SER B 27 5.64 12.39 -1.59
N GLY B 28 6.92 12.05 -1.55
CA GLY B 28 7.51 11.41 -0.38
C GLY B 28 8.69 12.19 0.20
N LEU B 29 8.77 12.23 1.53
CA LEU B 29 9.91 12.86 2.19
C LEU B 29 10.86 11.86 2.83
N ASP B 30 12.00 11.58 2.22
CA ASP B 30 13.01 10.66 2.79
C ASP B 30 13.45 10.89 4.23
N LEU B 31 13.65 9.79 4.96
CA LEU B 31 14.21 9.80 6.30
C LEU B 31 15.55 9.11 6.32
N PHE B 32 16.42 9.63 7.17
CA PHE B 32 17.74 9.09 7.32
C PHE B 32 17.75 8.00 8.32
N ILE B 33 18.65 7.05 8.03
CA ILE B 33 19.20 6.13 9.04
C ILE B 33 20.19 7.00 9.83
N VAL B 34 19.87 7.14 11.09
CA VAL B 34 20.47 8.06 12.05
C VAL B 34 21.80 7.50 12.68
N LYS B 35 21.84 6.27 13.16
CA LYS B 35 23.08 5.69 13.70
C LYS B 35 23.35 4.44 12.88
N ASP B 36 24.61 4.16 12.59
CA ASP B 36 25.07 2.86 12.09
C ASP B 36 24.64 1.67 12.93
N GLU B 37 24.33 0.53 12.28
CA GLU B 37 23.70 -0.61 12.99
C GLU B 37 23.90 -1.91 12.17
N VAL B 38 24.18 -3.04 12.83
CA VAL B 38 24.25 -4.33 12.10
C VAL B 38 22.87 -5.00 12.26
N LEU B 39 22.24 -5.45 11.16
CA LEU B 39 20.90 -6.11 11.27
C LEU B 39 21.14 -7.60 11.26
N LYS B 40 20.72 -8.34 12.27
CA LYS B 40 21.01 -9.76 12.27
C LYS B 40 20.36 -10.47 11.03
N PRO B 41 20.85 -11.60 10.63
CA PRO B 41 20.28 -12.30 9.51
C PRO B 41 18.92 -12.84 9.88
N LYS B 42 18.01 -12.94 8.94
CA LYS B 42 16.67 -13.40 9.21
C LYS B 42 16.00 -12.77 10.40
N SER B 43 15.82 -11.48 10.39
CA SER B 43 15.39 -10.81 11.57
C SER B 43 14.43 -9.70 11.31
N THR B 44 13.79 -9.26 12.37
CA THR B 44 13.05 -8.02 12.37
C THR B 44 13.69 -7.13 13.46
N THR B 45 13.98 -5.87 13.09
CA THR B 45 14.66 -4.87 13.91
C THR B 45 13.88 -3.57 13.82
N PHE B 46 13.49 -3.06 15.00
CA PHE B 46 12.86 -1.75 15.11
C PHE B 46 13.88 -0.60 15.11
N VAL B 47 14.24 -0.14 13.93
CA VAL B 47 15.24 0.87 13.80
C VAL B 47 14.61 2.22 14.19
N LYS B 48 15.15 2.90 15.21
CA LYS B 48 14.57 4.20 15.62
C LYS B 48 15.13 5.34 14.74
N LEU B 49 14.27 6.30 14.37
CA LEU B 49 14.67 7.21 13.31
C LEU B 49 15.07 8.61 13.81
N GLY B 50 14.96 8.80 15.14
CA GLY B 50 15.53 10.00 15.80
C GLY B 50 14.67 11.25 15.58
N ILE B 51 13.37 11.06 15.28
CA ILE B 51 12.46 12.15 15.06
C ILE B 51 11.11 11.81 15.60
N LYS B 52 10.33 12.85 15.85
CA LYS B 52 8.89 12.78 16.05
C LYS B 52 8.34 13.70 14.97
N ALA B 53 7.10 13.47 14.56
CA ALA B 53 6.56 14.29 13.51
C ALA B 53 5.07 14.49 13.66
N ILE B 54 4.56 15.60 13.18
CA ILE B 54 3.15 15.71 12.95
C ILE B 54 2.92 16.27 11.57
N ALA B 55 1.78 15.90 11.01
CA ALA B 55 1.47 16.26 9.67
C ALA B 55 0.26 17.15 9.78
N LEU B 56 0.31 18.22 8.99
CA LEU B 56 -0.77 19.22 9.00
C LEU B 56 -1.38 19.38 7.62
N GLN B 57 -2.71 19.47 7.60
CA GLN B 57 -3.49 19.58 6.36
C GLN B 57 -4.65 20.53 6.62
N TYR B 58 -5.34 20.96 5.53
CA TYR B 58 -6.65 21.63 5.64
C TYR B 58 -7.76 20.67 6.04
N LYS B 59 -8.64 21.09 6.96
CA LYS B 59 -9.82 20.31 7.36
C LYS B 59 -10.64 19.86 6.12
N SER B 60 -11.13 18.63 6.12
CA SER B 60 -12.04 18.24 5.09
C SER B 60 -13.30 17.80 5.77
N ASN B 61 -14.39 17.74 5.03
CA ASN B 61 -15.63 17.24 5.56
C ASN B 61 -15.74 15.78 5.18
N TYR B 62 -15.93 14.92 6.15
CA TYR B 62 -15.90 13.50 5.90
C TYR B 62 -17.07 12.78 6.53
N TYR B 63 -17.52 11.72 5.88
CA TYR B 63 -18.62 10.91 6.38
C TYR B 63 -18.21 10.05 7.58
N TYR B 64 -18.85 10.29 8.71
CA TYR B 64 -18.59 9.58 9.98
C TYR B 64 -19.93 9.62 10.72
N LYS B 65 -20.24 8.52 11.43
CA LYS B 65 -21.59 8.27 11.94
C LYS B 65 -21.58 7.50 13.29
N ASN B 80 -9.75 25.93 8.13
CA ASN B 80 -8.73 25.73 9.14
C ASN B 80 -7.86 24.50 8.86
N ILE B 81 -6.83 24.33 9.65
CA ILE B 81 -5.85 23.32 9.41
C ILE B 81 -6.00 22.32 10.50
N VAL B 82 -5.88 21.05 10.16
CA VAL B 82 -6.02 20.02 11.16
C VAL B 82 -4.82 19.13 11.25
N ASN B 83 -4.78 18.41 12.35
CA ASN B 83 -3.79 17.36 12.60
C ASN B 83 -4.20 16.12 11.80
N THR B 84 -3.28 15.60 10.99
CA THR B 84 -3.56 14.46 10.09
C THR B 84 -2.71 13.20 10.35
N SER B 85 -3.23 12.05 9.90
CA SER B 85 -2.48 10.78 9.79
C SER B 85 -1.61 10.69 8.53
N PHE B 86 -0.57 9.86 8.56
CA PHE B 86 0.30 9.74 7.40
C PHE B 86 0.95 8.35 7.33
N LEU B 87 1.85 8.18 6.37
CA LEU B 87 2.27 6.87 5.91
C LEU B 87 3.78 6.77 5.90
N LEU B 88 4.32 5.61 6.22
CA LEU B 88 5.76 5.39 6.10
C LEU B 88 5.89 4.36 5.00
N PHE B 89 6.46 4.72 3.87
CA PHE B 89 6.57 3.85 2.73
C PHE B 89 8.07 3.46 2.70
N PRO B 90 8.41 2.24 2.19
CA PRO B 90 9.80 1.99 1.81
C PRO B 90 10.21 2.89 0.61
N ARG B 91 11.49 3.06 0.40
CA ARG B 91 11.96 3.73 -0.78
C ARG B 91 12.17 2.63 -1.84
N SER B 92 11.99 2.98 -3.11
CA SER B 92 12.18 2.05 -4.19
C SER B 92 13.50 1.31 -4.04
N SER B 93 14.46 2.03 -3.49
CA SER B 93 15.82 1.55 -3.52
C SER B 93 16.11 0.48 -2.46
N ILE B 94 15.15 0.29 -1.51
CA ILE B 94 15.15 -0.79 -0.51
C ILE B 94 15.21 -2.11 -1.26
N SER B 95 14.67 -2.12 -2.48
CA SER B 95 14.51 -3.35 -3.24
C SER B 95 15.85 -3.87 -3.69
N LYS B 96 16.85 -3.01 -3.63
CA LYS B 96 18.21 -3.41 -3.98
C LYS B 96 18.93 -3.97 -2.74
N THR B 97 18.30 -3.91 -1.56
CA THR B 97 18.89 -4.50 -0.34
C THR B 97 18.10 -5.76 0.04
N PRO B 98 18.59 -6.57 1.01
CA PRO B 98 17.64 -7.66 1.48
C PRO B 98 16.55 -7.24 2.46
N LEU B 99 16.46 -5.94 2.75
CA LEU B 99 15.56 -5.42 3.80
C LEU B 99 14.15 -5.12 3.27
N ARG B 100 13.16 -5.49 4.07
CA ARG B 100 11.76 -5.30 3.71
C ARG B 100 11.09 -4.65 4.91
N LEU B 101 10.08 -3.80 4.67
CA LEU B 101 9.31 -3.19 5.76
C LEU B 101 8.29 -4.25 6.20
N ALA B 102 8.37 -4.65 7.46
CA ALA B 102 7.66 -5.78 7.98
C ALA B 102 6.11 -5.60 7.93
N ASN B 103 5.66 -4.35 8.15
CA ASN B 103 4.26 -4.04 8.26
C ASN B 103 3.73 -3.43 6.95
N SER B 104 4.52 -3.64 5.89
CA SER B 104 4.28 -3.22 4.51
C SER B 104 4.40 -1.71 4.31
N ILE B 105 3.44 -0.95 4.83
CA ILE B 105 3.35 0.50 4.86
C ILE B 105 2.95 0.82 6.28
N GLY B 106 3.70 1.68 6.98
CA GLY B 106 3.32 2.04 8.33
C GLY B 106 2.19 3.01 8.30
N LEU B 107 1.25 2.89 9.23
CA LEU B 107 0.23 3.92 9.40
C LEU B 107 0.50 4.70 10.70
N ILE B 108 0.68 6.01 10.57
CA ILE B 108 1.01 6.80 11.73
C ILE B 108 -0.16 7.68 12.06
N ASP B 109 -0.81 7.40 13.18
CA ASP B 109 -2.08 8.02 13.45
C ASP B 109 -1.89 9.51 13.79
N ALA B 110 -2.96 10.28 13.63
CA ALA B 110 -2.99 11.72 13.98
C ALA B 110 -2.49 12.01 15.41
N GLY B 111 -2.87 11.18 16.37
CA GLY B 111 -2.46 11.34 17.77
C GLY B 111 -1.09 10.81 18.18
N TYR B 112 -0.46 10.00 17.34
CA TYR B 112 0.86 9.52 17.73
C TYR B 112 1.88 10.64 17.99
N ARG B 113 2.46 10.64 19.20
CA ARG B 113 3.51 11.64 19.56
C ARG B 113 4.89 11.03 19.89
N GLY B 114 5.12 9.79 19.46
CA GLY B 114 6.33 9.07 19.85
C GLY B 114 7.36 9.05 18.73
N GLU B 115 8.51 8.44 19.02
CA GLU B 115 9.56 8.39 18.01
C GLU B 115 9.05 7.56 16.80
N ILE B 116 9.55 7.88 15.61
CA ILE B 116 9.10 7.24 14.41
C ILE B 116 10.13 6.18 14.08
N ILE B 117 9.65 4.93 13.91
CA ILE B 117 10.44 3.69 13.83
C ILE B 117 10.18 2.94 12.51
N ALA B 118 11.21 2.45 11.87
CA ALA B 118 11.13 1.53 10.76
C ALA B 118 11.18 0.06 11.24
N ALA B 119 10.08 -0.68 11.09
CA ALA B 119 10.18 -2.16 11.26
C ALA B 119 10.85 -2.86 10.07
N LEU B 120 12.14 -3.24 10.15
CA LEU B 120 12.84 -3.81 9.01
C LEU B 120 13.19 -5.27 9.11
N ASP B 121 12.68 -6.08 8.21
CA ASP B 121 13.07 -7.46 8.15
C ASP B 121 14.35 -7.56 7.40
N ASN B 122 15.33 -8.25 7.96
CA ASN B 122 16.45 -8.67 7.12
C ASN B 122 16.13 -10.07 6.66
N THR B 123 15.92 -10.23 5.35
CA THR B 123 15.53 -11.49 4.72
C THR B 123 16.76 -12.36 4.28
N SER B 124 17.94 -11.81 4.48
CA SER B 124 19.17 -12.48 4.13
C SER B 124 19.68 -13.40 5.25
N ASP B 125 20.35 -14.43 4.80
CA ASP B 125 21.07 -15.40 5.60
C ASP B 125 22.30 -14.77 6.28
N GLN B 126 22.71 -13.58 5.80
CA GLN B 126 23.76 -12.76 6.48
C GLN B 126 23.33 -11.42 7.04
N GLU B 127 24.17 -10.95 7.95
CA GLU B 127 23.97 -9.68 8.62
C GLU B 127 24.01 -8.51 7.65
N TYR B 128 23.24 -7.49 7.93
CA TYR B 128 23.29 -6.37 7.03
C TYR B 128 23.59 -5.14 7.82
N HIS B 129 24.55 -4.36 7.30
CA HIS B 129 25.05 -3.16 7.98
C HIS B 129 24.32 -1.97 7.37
N ILE B 130 23.56 -1.28 8.20
CA ILE B 130 22.99 0.00 7.78
C ILE B 130 23.81 1.10 8.47
N LYS B 131 23.89 2.24 7.81
CA LYS B 131 24.85 3.29 8.15
C LYS B 131 24.11 4.60 8.21
N LYS B 132 24.52 5.48 9.12
CA LYS B 132 24.02 6.84 9.14
C LYS B 132 24.19 7.42 7.74
N ASN B 133 23.17 8.14 7.28
CA ASN B 133 23.14 8.68 5.91
C ASN B 133 22.26 7.88 4.94
N ASP B 134 21.94 6.63 5.30
CA ASP B 134 21.05 5.81 4.46
C ASP B 134 19.62 6.35 4.57
N LYS B 135 18.93 6.40 3.44
CA LYS B 135 17.51 6.68 3.40
C LYS B 135 16.91 5.36 2.90
N LEU B 136 16.27 4.61 3.79
CA LEU B 136 15.58 3.36 3.40
C LEU B 136 14.07 3.53 3.26
N VAL B 137 13.57 4.61 3.89
CA VAL B 137 12.17 4.80 4.19
C VAL B 137 11.75 6.26 3.90
N GLN B 138 10.45 6.49 3.74
CA GLN B 138 10.01 7.80 3.40
C GLN B 138 8.64 8.08 3.99
N LEU B 139 8.34 9.34 4.28
CA LEU B 139 7.03 9.73 4.78
C LEU B 139 6.22 10.22 3.61
N VAL B 140 4.93 9.87 3.62
CA VAL B 140 3.97 10.22 2.56
C VAL B 140 2.56 10.60 3.03
N SER B 141 1.94 11.46 2.26
CA SER B 141 0.61 11.87 2.55
C SER B 141 -0.40 10.89 1.94
N PHE B 142 -1.47 10.67 2.67
CA PHE B 142 -2.59 9.95 2.11
C PHE B 142 -3.01 10.39 0.72
N THR B 143 -3.10 11.69 0.47
CA THR B 143 -3.56 12.16 -0.84
C THR B 143 -2.43 12.29 -1.89
N GLY B 144 -1.21 11.89 -1.54
CA GLY B 144 -0.08 11.99 -2.40
C GLY B 144 0.39 13.40 -2.78
N GLU B 145 -0.08 14.39 -2.04
CA GLU B 145 0.21 15.78 -2.35
C GLU B 145 1.64 16.10 -1.91
N PRO B 146 2.32 17.06 -2.61
CA PRO B 146 3.74 17.37 -2.36
C PRO B 146 3.96 17.62 -0.86
N LEU B 147 5.14 17.27 -0.36
CA LEU B 147 5.43 17.33 1.07
C LEU B 147 6.30 18.55 1.48
N SER B 148 6.00 19.19 2.63
CA SER B 148 6.90 20.23 3.17
C SER B 148 7.13 19.98 4.62
N PHE B 149 8.31 20.33 5.11
CA PHE B 149 8.55 20.19 6.55
C PHE B 149 9.33 21.39 7.18
N GLU B 150 9.37 21.41 8.52
CA GLU B 150 10.16 22.35 9.29
C GLU B 150 10.54 21.69 10.60
N LEU B 151 11.60 22.19 11.27
CA LEU B 151 11.98 21.66 12.60
C LEU B 151 11.35 22.43 13.80
N VAL B 152 11.29 21.83 15.01
CA VAL B 152 10.43 22.32 16.12
C VAL B 152 10.95 21.48 17.41
N MET C 1 -14.74 8.06 7.15
CA MET C 1 -15.46 7.09 6.26
C MET C 1 -16.33 6.25 7.17
N HIS C 2 -17.48 5.82 6.69
CA HIS C 2 -18.35 5.02 7.46
C HIS C 2 -18.51 3.60 6.89
N LEU C 3 -18.18 2.56 7.65
CA LEU C 3 -18.37 1.18 7.16
C LEU C 3 -19.70 0.56 7.62
N LYS C 4 -20.36 -0.17 6.74
CA LYS C 4 -21.44 -1.07 7.12
C LYS C 4 -21.01 -2.55 7.03
N ILE C 5 -20.92 -3.22 8.16
CA ILE C 5 -20.35 -4.57 8.34
C ILE C 5 -21.46 -5.62 8.56
N VAL C 6 -21.46 -6.66 7.73
CA VAL C 6 -22.27 -7.82 7.92
C VAL C 6 -21.44 -8.88 8.57
N CYS C 7 -21.75 -9.19 9.82
CA CYS C 7 -21.15 -10.28 10.57
C CYS C 7 -21.71 -11.60 10.10
N LEU C 8 -20.86 -12.58 9.83
CA LEU C 8 -21.31 -13.88 9.25
C LEU C 8 -21.77 -14.95 10.27
N SER C 9 -21.71 -14.60 11.55
CA SER C 9 -22.19 -15.48 12.59
C SER C 9 -22.43 -14.63 13.84
N ASP C 10 -23.14 -15.20 14.81
CA ASP C 10 -23.42 -14.50 16.09
C ASP C 10 -22.16 -14.26 16.91
N GLU C 11 -21.25 -15.22 16.84
CA GLU C 11 -19.97 -15.13 17.49
C GLU C 11 -19.18 -13.90 17.05
N VAL C 12 -19.22 -13.62 15.74
CA VAL C 12 -18.49 -12.51 15.19
C VAL C 12 -19.21 -11.24 15.51
N ARG C 13 -20.54 -11.23 15.42
CA ARG C 13 -21.39 -10.09 15.82
C ARG C 13 -21.13 -9.62 17.27
N GLU C 14 -20.94 -10.59 18.20
CA GLU C 14 -20.60 -10.35 19.61
C GLU C 14 -19.28 -9.64 19.75
N MET C 15 -18.29 -10.13 19.02
CA MET C 15 -16.96 -9.51 18.99
C MET C 15 -17.01 -8.07 18.57
N TYR C 16 -17.85 -7.76 17.60
CA TYR C 16 -17.89 -6.40 17.08
C TYR C 16 -18.84 -5.44 17.82
N LYS C 17 -19.92 -5.97 18.41
CA LYS C 17 -20.83 -5.15 19.27
C LYS C 17 -20.17 -4.95 20.64
N ASN C 18 -18.80 -5.50 20.79
CA ASN C 18 -18.00 -5.21 21.97
C ASN C 18 -16.63 -4.66 21.61
N ASP C 26 -10.43 6.83 15.34
CA ASP C 26 -9.25 6.14 14.83
C ASP C 26 -9.52 5.95 12.97
N SER C 27 -8.32 6.33 12.55
CA SER C 27 -7.92 6.16 11.18
C SER C 27 -7.74 4.68 10.67
N GLY C 28 -7.70 3.70 11.57
CA GLY C 28 -7.65 2.30 11.22
C GLY C 28 -8.70 1.60 12.05
N LEU C 29 -9.59 0.86 11.44
CA LEU C 29 -10.51 0.02 12.19
C LEU C 29 -9.96 -1.38 12.22
N ASP C 30 -9.63 -1.89 13.41
CA ASP C 30 -9.00 -3.21 13.57
C ASP C 30 -9.99 -4.29 13.35
N LEU C 31 -9.54 -5.39 12.75
CA LEU C 31 -10.36 -6.52 12.49
C LEU C 31 -9.82 -7.72 13.32
N PHE C 32 -10.75 -8.55 13.78
CA PHE C 32 -10.48 -9.74 14.57
C PHE C 32 -10.22 -10.97 13.73
N ILE C 33 -9.24 -11.78 14.18
CA ILE C 33 -9.19 -13.24 13.91
C ILE C 33 -10.35 -13.78 14.69
N VAL C 34 -11.12 -14.62 14.04
CA VAL C 34 -12.50 -14.91 14.47
C VAL C 34 -12.62 -16.41 14.82
N LYS C 35 -11.63 -17.20 14.40
CA LYS C 35 -11.55 -18.62 14.73
C LYS C 35 -10.06 -18.99 14.96
N ASP C 36 -9.81 -19.80 15.99
CA ASP C 36 -8.48 -20.38 16.21
C ASP C 36 -8.09 -21.14 14.96
N GLU C 37 -6.79 -21.10 14.65
CA GLU C 37 -6.34 -21.72 13.42
C GLU C 37 -4.85 -21.84 13.49
N VAL C 38 -4.32 -22.88 12.88
CA VAL C 38 -2.88 -23.07 12.69
C VAL C 38 -2.42 -22.80 11.25
N LEU C 39 -1.41 -21.95 11.07
CA LEU C 39 -0.87 -21.71 9.75
C LEU C 39 0.37 -22.57 9.49
N LYS C 40 0.44 -23.25 8.36
CA LYS C 40 1.50 -24.21 8.33
C LYS C 40 2.80 -23.38 8.14
N PRO C 41 3.97 -23.97 8.47
CA PRO C 41 5.27 -23.35 8.24
C PRO C 41 5.42 -23.00 6.78
N LYS C 42 6.15 -21.92 6.48
CA LYS C 42 6.45 -21.56 5.08
C LYS C 42 5.21 -21.66 4.17
N SER C 43 4.16 -20.89 4.48
CA SER C 43 2.91 -21.06 3.77
C SER C 43 2.26 -19.71 3.57
N THR C 44 1.32 -19.67 2.64
CA THR C 44 0.37 -18.59 2.51
C THR C 44 -0.99 -19.18 2.81
N THR C 45 -1.68 -18.55 3.74
CA THR C 45 -3.00 -18.96 4.17
C THR C 45 -3.97 -17.82 3.95
N PHE C 46 -5.11 -18.14 3.36
CA PHE C 46 -6.18 -17.18 3.22
C PHE C 46 -7.09 -17.27 4.47
N VAL C 47 -6.99 -16.27 5.33
CA VAL C 47 -7.69 -16.34 6.60
C VAL C 47 -8.97 -15.50 6.46
N LYS C 48 -10.09 -16.16 6.67
CA LYS C 48 -11.40 -15.56 6.48
C LYS C 48 -11.83 -14.82 7.74
N LEU C 49 -12.25 -13.57 7.58
CA LEU C 49 -12.39 -12.74 8.72
C LEU C 49 -13.83 -12.64 9.23
N GLY C 50 -14.72 -13.43 8.63
CA GLY C 50 -16.09 -13.55 9.11
C GLY C 50 -16.97 -12.33 8.92
N ILE C 51 -16.61 -11.40 8.03
CA ILE C 51 -17.35 -10.18 7.81
C ILE C 51 -17.34 -9.91 6.31
N LYS C 52 -18.36 -9.18 5.84
CA LYS C 52 -18.37 -8.50 4.57
C LYS C 52 -18.51 -7.04 4.92
N ALA C 53 -18.07 -6.10 4.07
CA ALA C 53 -18.21 -4.69 4.42
C ALA C 53 -18.33 -3.70 3.24
N ILE C 54 -18.99 -2.57 3.47
CA ILE C 54 -19.21 -1.58 2.45
C ILE C 54 -18.71 -0.32 3.08
N ALA C 55 -17.98 0.51 2.35
CA ALA C 55 -17.46 1.71 2.92
C ALA C 55 -18.26 2.84 2.27
N LEU C 56 -18.62 3.83 3.06
CA LEU C 56 -19.40 4.94 2.54
C LEU C 56 -18.65 6.24 2.75
N GLN C 57 -18.54 7.06 1.72
CA GLN C 57 -17.91 8.41 1.84
C GLN C 57 -18.74 9.47 1.13
N TYR C 58 -18.51 10.75 1.44
CA TYR C 58 -19.12 11.83 0.65
C TYR C 58 -18.68 11.79 -0.82
N LYS C 59 -19.66 11.87 -1.73
CA LYS C 59 -19.44 12.03 -3.19
C LYS C 59 -18.33 13.06 -3.41
N SER C 60 -17.30 12.67 -4.17
CA SER C 60 -16.18 13.57 -4.57
C SER C 60 -16.30 13.74 -6.10
N ASN C 61 -15.76 14.84 -6.63
CA ASN C 61 -15.64 15.03 -8.09
C ASN C 61 -14.27 14.48 -8.51
N TYR C 62 -14.23 13.63 -9.54
CA TYR C 62 -12.94 13.03 -9.99
C TYR C 62 -12.71 13.02 -11.53
N TYR C 63 -11.44 13.16 -11.94
CA TYR C 63 -11.11 13.11 -13.37
C TYR C 63 -11.19 11.72 -14.04
N TYR C 64 -12.19 11.56 -14.89
CA TYR C 64 -12.48 10.29 -15.51
C TYR C 64 -12.78 10.60 -17.00
N LYS C 65 -12.15 9.85 -17.91
CA LYS C 65 -12.23 10.17 -19.32
C LYS C 65 -12.15 8.94 -20.23
N ASN C 80 -23.19 14.13 -1.70
CA ASN C 80 -23.92 12.90 -1.44
C ASN C 80 -23.03 11.84 -0.80
N ILE C 81 -23.17 10.88 -0.61
CA ILE C 81 -22.73 9.63 0.09
C ILE C 81 -22.63 8.47 -0.88
N VAL C 82 -21.41 8.06 -1.27
CA VAL C 82 -21.22 6.85 -2.15
C VAL C 82 -20.45 5.68 -1.47
N ASN C 83 -20.69 4.46 -1.95
CA ASN C 83 -19.76 3.35 -1.93
C ASN C 83 -18.40 3.72 -2.41
N THR C 84 -17.41 3.31 -1.66
CA THR C 84 -16.09 3.69 -2.01
C THR C 84 -15.18 2.47 -1.87
N SER C 85 -14.04 2.51 -2.54
CA SER C 85 -12.99 1.56 -2.28
C SER C 85 -12.34 1.79 -0.93
N PHE C 86 -11.76 0.76 -0.34
CA PHE C 86 -10.91 0.99 0.82
C PHE C 86 -9.74 0.00 0.91
N LEU C 87 -8.98 0.08 2.00
CA LEU C 87 -7.68 -0.57 2.13
C LEU C 87 -7.58 -1.48 3.32
N LEU C 88 -6.84 -2.55 3.18
CA LEU C 88 -6.66 -3.45 4.30
C LEU C 88 -5.17 -3.40 4.62
N PHE C 89 -4.83 -2.99 5.82
CA PHE C 89 -3.42 -2.82 6.15
C PHE C 89 -3.09 -3.80 7.20
N PRO C 90 -1.84 -4.21 7.24
CA PRO C 90 -1.45 -4.92 8.49
C PRO C 90 -1.38 -3.94 9.70
N ARG C 91 -1.48 -4.50 10.87
CA ARG C 91 -1.20 -3.77 12.06
C ARG C 91 0.31 -3.69 12.19
N SER C 92 0.75 -2.58 12.80
CA SER C 92 2.15 -2.35 13.24
C SER C 92 2.68 -3.56 13.93
N SER C 93 1.88 -4.05 14.87
CA SER C 93 2.30 -5.12 15.72
C SER C 93 2.47 -6.44 15.07
N ILE C 94 2.10 -6.57 13.79
CA ILE C 94 2.30 -7.84 13.08
C ILE C 94 3.82 -8.06 12.91
N SER C 95 4.54 -6.92 12.84
CA SER C 95 6.00 -6.83 12.79
C SER C 95 6.66 -7.80 13.77
N LYS C 96 6.08 -7.94 14.94
CA LYS C 96 6.74 -8.79 15.95
C LYS C 96 6.62 -10.31 15.72
N THR C 97 5.66 -10.69 14.88
CA THR C 97 5.32 -12.08 14.55
C THR C 97 6.07 -12.39 13.26
N PRO C 98 6.16 -13.68 12.88
CA PRO C 98 6.63 -14.07 11.56
C PRO C 98 5.64 -13.95 10.38
N LEU C 99 4.42 -13.46 10.62
CA LEU C 99 3.43 -13.26 9.58
C LEU C 99 3.50 -11.91 8.87
N ARG C 100 3.34 -11.98 7.54
CA ARG C 100 3.43 -10.85 6.63
C ARG C 100 2.22 -10.85 5.68
N LEU C 101 1.68 -9.66 5.31
CA LEU C 101 0.55 -9.62 4.38
C LEU C 101 1.07 -9.95 2.98
N ALA C 102 0.57 -11.03 2.37
CA ALA C 102 1.10 -11.47 1.07
C ALA C 102 0.96 -10.44 -0.05
N ASN C 103 -0.14 -9.71 -0.03
CA ASN C 103 -0.38 -8.73 -1.08
C ASN C 103 -0.02 -7.27 -0.72
N SER C 104 0.78 -7.08 0.32
CA SER C 104 1.29 -5.82 0.87
C SER C 104 0.21 -5.06 1.56
N ILE C 105 -0.72 -4.57 0.77
CA ILE C 105 -1.89 -3.80 1.27
C ILE C 105 -3.03 -4.32 0.39
N GLY C 106 -4.09 -4.83 1.01
CA GLY C 106 -5.29 -5.22 0.34
C GLY C 106 -6.08 -4.04 -0.18
N LEU C 107 -6.40 -4.06 -1.47
CA LEU C 107 -7.29 -3.10 -2.11
C LEU C 107 -8.72 -3.73 -2.24
N ILE C 108 -9.70 -3.14 -1.54
CA ILE C 108 -11.08 -3.62 -1.66
C ILE C 108 -11.91 -2.62 -2.50
N ASP C 109 -12.31 -3.09 -3.68
CA ASP C 109 -13.13 -2.30 -4.55
C ASP C 109 -14.51 -2.05 -3.97
N ALA C 110 -15.05 -0.90 -4.40
CA ALA C 110 -16.33 -0.29 -4.01
C ALA C 110 -17.51 -1.21 -3.93
N GLY C 111 -17.74 -2.02 -4.91
CA GLY C 111 -18.91 -2.86 -4.59
C GLY C 111 -18.51 -4.30 -4.35
N TYR C 112 -17.55 -4.52 -3.44
CA TYR C 112 -17.09 -5.88 -3.30
C TYR C 112 -17.99 -6.34 -2.21
N ARG C 113 -18.62 -7.49 -2.42
CA ARG C 113 -19.54 -8.10 -1.42
C ARG C 113 -19.01 -9.44 -0.84
N GLY C 114 -17.82 -9.90 -1.20
CA GLY C 114 -17.29 -11.14 -0.65
C GLY C 114 -16.89 -10.96 0.81
N GLU C 115 -16.65 -12.08 1.46
CA GLU C 115 -16.07 -12.04 2.74
C GLU C 115 -14.68 -11.40 2.62
N ILE C 116 -14.29 -10.71 3.67
CA ILE C 116 -12.97 -10.09 3.80
C ILE C 116 -11.97 -11.11 4.38
N ILE C 117 -10.81 -11.14 3.72
CA ILE C 117 -9.82 -12.17 3.84
C ILE C 117 -8.44 -11.48 3.98
N ALA C 118 -7.65 -11.97 4.94
CA ALA C 118 -6.26 -11.53 5.10
C ALA C 118 -5.42 -12.66 4.49
N ALA C 119 -4.69 -12.40 3.41
CA ALA C 119 -3.72 -13.37 2.84
C ALA C 119 -2.42 -13.29 3.63
N LEU C 120 -2.18 -14.27 4.50
CA LEU C 120 -1.07 -14.19 5.47
C LEU C 120 0.02 -15.23 5.18
N ASP C 121 1.22 -14.72 4.92
CA ASP C 121 2.44 -15.56 4.76
C ASP C 121 2.99 -15.90 6.17
N ASN C 122 3.17 -17.19 6.45
CA ASN C 122 3.96 -17.59 7.61
C ASN C 122 5.37 -17.78 7.12
N THR C 123 6.26 -16.82 7.47
CA THR C 123 7.65 -16.85 7.02
C THR C 123 8.59 -17.76 7.86
N SER C 124 8.03 -18.29 8.91
CA SER C 124 8.79 -19.09 9.80
C SER C 124 8.70 -20.58 9.44
N ASP C 125 9.58 -21.37 10.02
CA ASP C 125 9.56 -22.79 9.71
C ASP C 125 8.85 -23.61 10.74
N GLN C 126 8.20 -22.98 11.69
CA GLN C 126 7.24 -23.76 12.45
C GLN C 126 5.80 -23.26 12.23
N GLU C 127 4.80 -24.02 12.65
CA GLU C 127 3.43 -23.57 12.62
C GLU C 127 3.25 -22.28 13.39
N TYR C 128 2.18 -21.56 13.06
CA TYR C 128 1.84 -20.37 13.79
C TYR C 128 0.32 -20.45 14.12
N HIS C 129 -0.02 -20.34 15.38
CA HIS C 129 -1.35 -20.52 15.84
C HIS C 129 -1.90 -19.15 15.91
N ILE C 130 -2.88 -18.84 15.10
CA ILE C 130 -3.62 -17.62 15.35
C ILE C 130 -4.85 -17.99 16.20
N LYS C 131 -5.43 -17.00 16.91
CA LYS C 131 -6.46 -17.25 17.91
C LYS C 131 -7.62 -16.29 17.77
N LYS C 132 -8.81 -16.80 18.00
CA LYS C 132 -9.99 -15.91 18.07
C LYS C 132 -9.65 -14.73 18.99
N ASN C 133 -9.90 -13.51 18.48
CA ASN C 133 -9.61 -12.17 19.05
C ASN C 133 -8.22 -11.63 18.74
N ASP C 134 -7.38 -12.37 18.02
CA ASP C 134 -6.10 -11.70 17.66
C ASP C 134 -6.53 -10.57 16.72
N LYS C 135 -5.78 -9.49 16.69
CA LYS C 135 -6.01 -8.43 15.76
C LYS C 135 -4.76 -8.24 14.92
N LEU C 136 -4.77 -8.75 13.70
CA LEU C 136 -3.54 -8.70 12.82
C LEU C 136 -3.59 -7.58 11.77
N VAL C 137 -4.77 -7.09 11.49
CA VAL C 137 -5.00 -6.48 10.22
C VAL C 137 -6.02 -5.36 10.49
N GLN C 138 -6.07 -4.31 9.68
CA GLN C 138 -7.03 -3.21 9.92
C GLN C 138 -7.55 -2.62 8.59
N LEU C 139 -8.72 -2.03 8.67
CA LEU C 139 -9.36 -1.38 7.51
C LEU C 139 -9.00 0.12 7.55
N VAL C 140 -8.70 0.69 6.39
CA VAL C 140 -8.34 2.11 6.30
C VAL C 140 -8.91 2.80 5.07
N SER C 141 -9.29 4.07 5.24
CA SER C 141 -9.78 4.87 4.17
C SER C 141 -8.61 5.35 3.31
N PHE C 142 -8.83 5.49 2.00
CA PHE C 142 -7.84 6.14 1.11
C PHE C 142 -7.49 7.56 1.57
N THR C 143 -8.38 8.25 2.23
CA THR C 143 -8.03 9.63 2.70
C THR C 143 -7.38 9.65 4.11
N GLY C 144 -7.34 8.51 4.79
CA GLY C 144 -6.74 8.36 6.11
C GLY C 144 -7.55 9.00 7.22
N GLU C 145 -8.79 9.34 6.87
CA GLU C 145 -9.75 9.97 7.77
C GLU C 145 -10.31 8.95 8.80
N PRO C 146 -10.89 9.47 9.92
CA PRO C 146 -11.45 8.64 10.98
C PRO C 146 -12.57 7.74 10.44
N LEU C 147 -12.62 6.48 10.89
CA LEU C 147 -13.57 5.47 10.47
C LEU C 147 -14.63 5.27 11.53
N SER C 148 -15.90 5.10 11.14
CA SER C 148 -16.93 4.55 12.03
C SER C 148 -17.46 3.29 11.35
N PHE C 149 -18.34 2.56 12.02
CA PHE C 149 -19.03 1.44 11.45
C PHE C 149 -20.33 1.19 12.23
N GLU C 150 -21.28 0.45 11.62
CA GLU C 150 -22.46 -0.09 12.26
C GLU C 150 -22.61 -1.48 11.72
N LEU C 151 -23.32 -2.33 12.47
CA LEU C 151 -23.58 -3.69 12.03
C LEU C 151 -24.91 -3.75 11.41
N VAL C 152 -25.02 -4.51 10.34
CA VAL C 152 -26.16 -4.43 9.43
C VAL C 152 -26.36 -5.87 9.03
N GLU C 153 -27.51 -6.22 8.45
CA GLU C 153 -27.80 -7.64 8.13
C GLU C 153 -27.49 -8.06 6.71
N GLU C 154 -27.34 -7.10 5.82
CA GLU C 154 -27.15 -7.37 4.43
C GLU C 154 -26.52 -6.09 3.90
N LEU C 155 -25.91 -6.18 2.72
CA LEU C 155 -25.19 -5.01 2.09
C LEU C 155 -26.07 -4.44 1.02
N ASP C 156 -26.80 -5.37 0.38
CA ASP C 156 -27.82 -5.06 -0.59
C ASP C 156 -28.82 -6.19 -0.74
N GLU C 157 -29.61 -6.15 -1.81
CA GLU C 157 -30.65 -7.18 -2.04
C GLU C 157 -30.15 -8.50 -2.58
N THR C 158 -28.87 -8.59 -2.88
CA THR C 158 -28.35 -9.80 -3.52
C THR C 158 -27.93 -10.88 -2.52
N SER C 159 -28.03 -12.13 -2.94
CA SER C 159 -27.65 -13.28 -2.15
C SER C 159 -26.18 -13.17 -1.66
N ARG C 160 -25.28 -12.67 -2.51
CA ARG C 160 -23.91 -12.25 -2.12
C ARG C 160 -23.82 -11.06 -1.19
N GLY C 161 -24.69 -10.04 -1.34
CA GLY C 161 -24.86 -9.05 -0.25
C GLY C 161 -25.52 -9.53 1.04
N GLU C 162 -25.91 -10.80 1.06
CA GLU C 162 -26.67 -11.43 2.15
C GLU C 162 -28.08 -10.92 2.21
N GLY C 163 -28.63 -10.31 1.15
CA GLY C 163 -30.00 -9.81 1.25
C GLY C 163 -31.08 -10.53 0.47
N GLY C 164 -32.25 -9.85 0.35
CA GLY C 164 -33.40 -10.38 -0.42
C GLY C 164 -33.89 -11.74 0.06
N PHE C 165 -34.74 -12.37 -0.75
CA PHE C 165 -35.46 -13.64 -0.47
C PHE C 165 -34.56 -14.89 -0.32
N GLY C 166 -34.88 -15.81 0.63
CA GLY C 166 -33.83 -16.68 1.29
C GLY C 166 -32.79 -16.45 1.49
N1 DUA D . 8.96 3.01 -9.76
O1 DUA D . 11.53 6.79 -9.34
C2 DUA D . 8.51 1.89 -10.45
N2 DUA D . 13.70 2.76 -10.36
O2 DUA D . 8.62 1.87 -11.67
N3 DUA D . 7.93 0.87 -9.79
C4 DUA D . 7.80 0.92 -8.47
O4 DUA D . 7.31 -0.03 -7.87
C5 DUA D . 8.28 2.03 -7.72
C6 DUA D . 8.88 3.08 -8.41
C1' DUA D . 9.67 4.07 -10.43
C17 DUA D . 14.22 1.62 -9.62
C18 DUA D . 14.95 0.93 -10.82
C19 DUA D . 15.49 1.69 -11.89
C2' DUA D . 9.52 5.51 -10.11
C20 DUA D . 16.19 1.08 -12.97
C21 DUA D . 16.37 -0.30 -13.07
C22 DUA D . 15.83 -1.07 -12.02
C23 DUA D . 15.17 -0.46 -10.94
C24 DUA D . 13.21 0.73 -9.01
C25 DUA D . 13.07 0.37 -7.65
C26 DUA D . 11.99 -0.39 -7.21
C27 DUA D . 11.03 -0.81 -8.11
C28 DUA D . 11.13 -0.45 -9.45
C29 DUA D . 12.20 0.32 -9.90
C3' DUA D . 10.96 5.50 -9.52
C30 DUA D . 15.40 1.88 -8.68
C31 DUA D . 15.42 3.07 -7.95
C32 DUA D . 16.47 3.40 -7.08
C33 DUA D . 17.55 2.52 -6.89
C34 DUA D . 17.57 1.31 -7.56
C35 DUA D . 16.48 1.01 -8.41
C4' DUA D . 11.87 4.62 -10.37
O4' DUA D . 10.94 3.77 -11.02
C5' DUA D . 12.92 3.78 -9.60
C1 GOL E . -6.42 -6.92 -7.23
O1 GOL E . -7.53 -6.49 -6.47
C2 GOL E . -6.98 -7.94 -8.18
O2 GOL E . -8.28 -7.66 -7.82
C3 GOL E . -6.79 -9.33 -7.64
O3 GOL E . -6.47 -10.29 -8.62
N1 DUA F . 4.38 3.54 13.67
O1 DUA F . 1.19 3.43 17.08
C2 DUA F . 5.72 3.79 13.33
N2 DUA F . 4.92 0.87 17.92
O2 DUA F . 6.39 4.56 14.06
N3 DUA F . 6.19 3.24 12.18
C4 DUA F . 5.39 2.43 11.42
O4 DUA F . 5.84 1.88 10.39
C5 DUA F . 4.10 2.14 11.80
C6 DUA F . 3.62 2.69 12.95
C1' DUA F . 3.86 3.97 14.95
C17 DUA F . 5.52 -0.43 17.62
C18 DUA F . 6.81 -0.33 18.54
C19 DUA F . 6.72 0.11 19.88
C2' DUA F . 2.60 4.63 15.38
C20 DUA F . 7.85 0.23 20.72
C21 DUA F . 9.14 -0.14 20.25
C22 DUA F . 9.25 -0.57 18.91
C23 DUA F . 8.11 -0.67 18.13
C24 DUA F . 5.94 -0.47 16.14
C25 DUA F . 5.60 -1.50 15.29
C26 DUA F . 6.02 -1.44 13.95
C27 DUA F . 6.70 -0.33 13.44
C28 DUA F . 7.00 0.71 14.28
C29 DUA F . 6.64 0.63 15.62
C3' DUA F . 2.32 3.35 16.20
C30 DUA F . 5.05 -1.75 18.16
C31 DUA F . 3.72 -1.80 18.67
C32 DUA F . 3.17 -3.00 19.14
C33 DUA F . 3.95 -4.18 19.07
C34 DUA F . 5.24 -4.17 18.51
C35 DUA F . 5.79 -2.96 18.05
C4' DUA F . 3.64 2.96 16.91
O4' DUA F . 4.63 3.66 16.10
C5' DUA F . 3.82 1.43 17.07
C1 GOL G . 11.14 5.72 -3.91
O1 GOL G . 10.30 6.65 -4.54
C2 GOL G . 12.50 6.34 -3.76
O2 GOL G . 12.37 7.70 -3.94
C3 GOL G . 13.48 5.82 -4.79
O3 GOL G . 14.53 5.18 -4.05
N1 DUA H . -9.64 -8.60 -0.85
O1 DUA H . -11.32 -8.58 -5.12
C2 DUA H . -9.62 -9.07 0.44
N2 DUA H . -10.11 -12.61 -3.26
O2 DUA H . -10.65 -9.58 0.90
N3 DUA H . -8.53 -8.85 1.14
C4 DUA H . -7.45 -8.30 0.54
O4 DUA H . -6.36 -8.13 1.14
C5 DUA H . -7.46 -7.85 -0.76
C6 DUA H . -8.59 -8.06 -1.47
C1' DUA H . -10.74 -8.85 -1.72
C17 DUA H . -8.87 -13.40 -3.19
C18 DUA H . -9.52 -14.75 -2.63
C19 DUA H . -10.74 -15.28 -3.12
C2' DUA H . -11.42 -7.96 -2.69
C20 DUA H . -11.38 -16.50 -2.70
C21 DUA H . -10.80 -17.27 -1.71
C22 DUA H . -9.58 -16.80 -1.24
C23 DUA H . -8.94 -15.61 -1.68
C24 DUA H . -7.98 -12.86 -2.11
C25 DUA H . -6.61 -12.63 -2.38
C26 DUA H . -5.70 -12.07 -1.46
C27 DUA H . -6.18 -11.68 -0.22
C28 DUA H . -7.54 -11.89 0.06
C29 DUA H . -8.45 -12.44 -0.89
C3' DUA H . -10.78 -8.81 -3.83
C30 DUA H . -8.20 -14.09 -4.38
C31 DUA H . -8.50 -13.60 -5.66
C32 DUA H . -7.85 -14.13 -6.77
C33 DUA H . -6.90 -15.14 -6.60
C34 DUA H . -6.55 -15.64 -5.34
C35 DUA H . -7.21 -15.09 -4.26
C4' DUA H . -11.01 -10.28 -3.46
O4' DUA H . -11.13 -10.20 -2.05
C5' DUA H . -9.96 -11.26 -3.87
C1 GOL I . -1.04 -0.03 13.42
O1 GOL I . -0.92 1.29 13.91
C2 GOL I . -1.62 -0.79 14.59
O2 GOL I . -2.50 0.16 15.07
C3 GOL I . -0.59 -0.95 15.70
O3 GOL I . -0.49 -2.33 16.05
#